data_2C8Y
#
_entry.id   2C8Y
#
_cell.length_a   70.731
_cell.length_b   71.516
_cell.length_c   72.422
_cell.angle_alpha   90.00
_cell.angle_beta   100.51
_cell.angle_gamma   90.00
#
_symmetry.space_group_name_H-M   'C 1 2 1'
#
loop_
_entity.id
_entity.type
_entity.pdbx_description
1 polymer 'THROMBIN LIGHT CHAIN'
2 polymer 'THROMBIN HEAVY CHAIN'
3 polymer 'HIRUDIN VARIANT-2'
4 non-polymer 'DIMETHYL SULFOXIDE'
5 non-polymer 'SODIUM ION'
6 non-polymer N-[(2R,3S)-3-AMINO-2-HYDROXY-4-PHENYLBUTYL]NAPHTHALENE-2-SULFONAMIDE
7 water water
#
loop_
_entity_poly.entity_id
_entity_poly.type
_entity_poly.pdbx_seq_one_letter_code
_entity_poly.pdbx_strand_id
1 'polypeptide(L)' TFGSGEADCGLRPLFEKKSLEDKTERELLESYIDGR A
2 'polypeptide(L)'
;IVEGSDAEIGMSPWQVMLFRKSPQELLCGASLISDRWVLTAAHCLLYPPWDKNFTENDLLVRIGKHSRTRYERNIEKISM
LEKIYIHPRYNWRENLDRDIALMKLKKPVAFSDYIHPVCLPDRETAASLLQAGYKGRVTGWGNLKETWTANVGKGQPSVL
QVVNLPIVERPVCKDSTRIRITDNMFCAGYKPDEGKRGDACEGDSGGPFVMKSPFNNRWYQMGIVSWGEGCDRDGKYGFY
THVFRLKKWIQKVIDQFGE
;
B
3 'polypeptide(L)' GDFEEIPEE(TYS)LQ I
#
loop_
_chem_comp.id
_chem_comp.type
_chem_comp.name
_chem_comp.formula
C3M non-polymer N-[(2R,3S)-3-AMINO-2-HYDROXY-4-PHENYLBUTYL]NAPHTHALENE-2-SULFONAMIDE 'C20 H22 N2 O3 S'
DMS non-polymer 'DIMETHYL SULFOXIDE' 'C2 H6 O S'
NA non-polymer 'SODIUM ION' 'Na 1'
#
# COMPACT_ATOMS: atom_id res chain seq x y z
N GLY A 5 3.59 12.27 13.76
CA GLY A 5 2.58 11.18 13.57
C GLY A 5 1.22 11.59 14.08
N GLU A 6 0.16 11.28 13.33
CA GLU A 6 -1.20 11.65 13.72
C GLU A 6 -1.64 10.93 14.99
N ALA A 7 -2.31 11.67 15.87
CA ALA A 7 -2.61 11.20 17.21
C ALA A 7 -3.09 9.76 17.19
N ASP A 8 -4.23 9.54 16.54
CA ASP A 8 -4.93 8.25 16.58
C ASP A 8 -4.54 7.30 15.43
N CYS A 9 -3.37 7.51 14.82
CA CYS A 9 -3.03 6.76 13.64
C CYS A 9 -2.88 5.26 13.90
N GLY A 10 -3.26 4.45 12.93
CA GLY A 10 -2.87 3.04 12.94
C GLY A 10 -3.63 2.18 13.93
N LEU A 11 -4.64 2.76 14.59
CA LEU A 11 -5.55 2.03 15.47
C LEU A 11 -6.87 1.95 14.75
N ARG A 12 -7.30 0.72 14.48
CA ARG A 12 -8.48 0.46 13.66
C ARG A 12 -9.77 0.43 14.49
N PRO A 13 -10.78 1.22 14.08
CA PRO A 13 -12.03 1.24 14.83
C PRO A 13 -12.65 -0.12 15.13
N LEU A 14 -12.55 -1.08 14.21
CA LEU A 14 -13.22 -2.38 14.43
C LEU A 14 -12.31 -3.44 15.01
N PHE A 15 -11.09 -3.05 15.41
CA PHE A 15 -10.14 -3.99 15.99
C PHE A 15 -9.45 -3.38 17.21
N GLU A 16 -8.36 -2.64 17.02
CA GLU A 16 -7.66 -2.09 18.17
C GLU A 16 -8.59 -1.33 19.09
N LYS A 17 -9.46 -0.51 18.49
CA LYS A 17 -10.32 0.41 19.26
C LYS A 17 -11.30 -0.33 20.19
N LYS A 18 -11.72 -1.54 19.80
CA LYS A 18 -12.62 -2.41 20.59
C LYS A 18 -11.90 -3.61 21.13
N SER A 19 -10.58 -3.63 20.96
CA SER A 19 -9.74 -4.73 21.44
C SER A 19 -10.16 -6.07 20.88
N LEU A 20 -10.46 -6.09 19.57
CA LEU A 20 -10.59 -7.34 18.83
C LEU A 20 -9.33 -7.61 17.97
N GLU A 21 -8.95 -8.90 17.84
CA GLU A 21 -7.84 -9.34 17.00
C GLU A 21 -8.40 -9.79 15.67
N ASP A 22 -7.70 -9.51 14.58
CA ASP A 22 -8.04 -10.08 13.27
C ASP A 22 -7.42 -11.48 13.10
N LYS A 23 -7.80 -12.19 12.03
CA LYS A 23 -7.50 -13.61 11.91
C LYS A 23 -6.00 -13.93 11.86
N THR A 24 -5.16 -13.00 11.40
CA THR A 24 -3.76 -13.35 11.14
C THR A 24 -2.70 -12.40 11.70
N GLU A 25 -3.08 -11.39 12.48
CA GLU A 25 -2.09 -10.48 13.06
C GLU A 25 -1.17 -11.17 14.07
N ARG A 26 -1.64 -12.25 14.68
CA ARG A 26 -0.78 -13.02 15.58
C ARG A 26 0.44 -13.60 14.84
N GLU A 27 0.27 -13.97 13.57
CA GLU A 27 1.38 -14.45 12.75
C GLU A 27 2.48 -13.40 12.65
N LEU A 28 2.07 -12.13 12.56
CA LEU A 28 3.03 -11.03 12.51
C LEU A 28 3.76 -10.99 13.84
N LEU A 29 3.01 -10.99 14.94
CA LEU A 29 3.60 -10.82 16.26
C LEU A 29 4.57 -11.97 16.54
N GLU A 30 4.17 -13.18 16.18
CA GLU A 30 5.03 -14.35 16.38
C GLU A 30 6.33 -14.23 15.59
N SER A 31 6.32 -13.48 14.48
CA SER A 31 7.55 -13.25 13.68
C SER A 31 8.56 -12.26 14.29
N TYR A 32 8.13 -11.45 15.25
CA TYR A 32 8.97 -10.40 15.83
C TYR A 32 9.77 -10.97 16.98
N ILE A 33 10.70 -11.87 16.66
CA ILE A 33 11.58 -12.47 17.67
C ILE A 33 12.86 -11.65 17.82
N ILE B 1 -3.25 -9.73 -5.25
CA ILE B 1 -2.54 -10.59 -4.28
C ILE B 1 -2.66 -12.04 -4.71
N VAL B 2 -1.52 -12.75 -4.77
CA VAL B 2 -1.48 -14.20 -5.08
C VAL B 2 -1.30 -15.02 -3.80
N GLU B 3 -2.08 -16.09 -3.64
CA GLU B 3 -2.06 -16.93 -2.43
C GLU B 3 -2.37 -16.22 -1.10
N GLY B 4 -3.20 -15.18 -1.16
CA GLY B 4 -3.66 -14.50 0.01
C GLY B 4 -5.03 -15.01 0.37
N SER B 5 -5.70 -14.29 1.27
CA SER B 5 -7.09 -14.60 1.66
C SER B 5 -7.94 -13.32 1.63
N ASP B 6 -9.26 -13.49 1.71
CA ASP B 6 -10.18 -12.37 1.82
C ASP B 6 -9.86 -11.58 3.09
N ALA B 7 -9.82 -10.24 2.96
CA ALA B 7 -9.74 -9.37 4.12
C ALA B 7 -11.02 -9.47 4.97
N GLU B 8 -10.89 -9.31 6.29
CA GLU B 8 -12.06 -9.07 7.14
C GLU B 8 -12.50 -7.64 6.98
N ILE B 9 -13.72 -7.31 7.38
CA ILE B 9 -14.25 -5.94 7.26
C ILE B 9 -13.54 -4.99 8.25
N GLY B 10 -13.14 -3.81 7.76
CA GLY B 10 -12.39 -2.83 8.56
C GLY B 10 -11.00 -3.24 9.02
N MET B 11 -10.41 -4.21 8.32
CA MET B 11 -9.10 -4.78 8.67
C MET B 11 -7.99 -3.88 8.14
N SER B 12 -8.27 -3.16 7.05
CA SER B 12 -7.28 -2.29 6.46
C SER B 12 -7.96 -0.95 6.13
N PRO B 13 -8.34 -0.20 7.16
CA PRO B 13 -9.18 0.98 6.94
C PRO B 13 -8.46 2.16 6.25
N TRP B 14 -7.15 2.06 6.12
CA TRP B 14 -6.32 2.99 5.35
C TRP B 14 -6.15 2.61 3.87
N GLN B 15 -6.74 1.51 3.45
CA GLN B 15 -6.55 1.03 2.11
C GLN B 15 -7.35 1.97 1.22
N VAL B 16 -6.67 2.48 0.21
CA VAL B 16 -7.28 3.31 -0.80
C VAL B 16 -7.14 2.65 -2.17
N MET B 17 -8.18 2.80 -2.99
CA MET B 17 -8.17 2.38 -4.38
C MET B 17 -7.98 3.61 -5.27
N LEU B 18 -7.02 3.53 -6.18
CA LEU B 18 -6.86 4.55 -7.24
C LEU B 18 -7.68 4.10 -8.44
N PHE B 19 -8.61 4.95 -8.85
CA PHE B 19 -9.62 4.54 -9.81
C PHE B 19 -9.67 5.54 -10.97
N ARG B 20 -9.63 5.02 -12.20
CA ARG B 20 -9.61 5.85 -13.39
C ARG B 20 -11.04 6.23 -13.74
N LYS B 21 -11.24 7.51 -14.06
CA LYS B 21 -12.56 8.01 -14.40
C LYS B 21 -13.06 7.41 -15.71
N SER B 22 -12.27 7.56 -16.78
CA SER B 22 -12.67 7.08 -18.11
C SER B 22 -11.49 6.47 -18.87
N PRO B 23 -11.51 5.14 -19.11
CA PRO B 23 -12.51 4.15 -18.67
C PRO B 23 -12.52 3.99 -17.15
N GLN B 24 -13.62 3.45 -16.63
CA GLN B 24 -13.75 3.27 -15.18
C GLN B 24 -13.04 1.99 -14.81
N GLU B 25 -11.90 2.11 -14.12
CA GLU B 25 -11.07 0.96 -13.81
C GLU B 25 -10.09 1.20 -12.67
N LEU B 26 -9.70 0.11 -12.04
CA LEU B 26 -8.72 0.13 -10.96
C LEU B 26 -7.35 0.39 -11.57
N LEU B 27 -6.68 1.43 -11.07
CA LEU B 27 -5.33 1.72 -11.52
C LEU B 27 -4.28 1.09 -10.59
N CYS B 28 -4.50 1.21 -9.28
CA CYS B 28 -3.48 0.87 -8.28
C CYS B 28 -4.11 0.98 -6.90
N GLY B 29 -3.35 0.56 -5.88
CA GLY B 29 -3.71 0.80 -4.48
C GLY B 29 -2.97 2.03 -3.97
N ALA B 30 -3.16 2.33 -2.70
CA ALA B 30 -2.73 3.59 -2.14
C ALA B 30 -3.07 3.50 -0.68
N SER B 31 -2.57 4.40 0.15
CA SER B 31 -2.99 4.41 1.54
C SER B 31 -3.25 5.83 2.05
N LEU B 32 -4.17 5.92 3.01
CA LEU B 32 -4.55 7.18 3.67
C LEU B 32 -3.66 7.43 4.90
N ILE B 33 -2.84 8.48 4.86
CA ILE B 33 -1.92 8.80 5.96
C ILE B 33 -2.41 9.99 6.85
N SER B 34 -3.51 10.63 6.44
CA SER B 34 -4.14 11.73 7.20
C SER B 34 -5.46 11.99 6.50
N ASP B 35 -6.25 12.94 6.98
CA ASP B 35 -7.55 13.21 6.31
C ASP B 35 -7.47 13.88 4.93
N ARG B 36 -6.30 14.37 4.51
CA ARG B 36 -6.17 14.95 3.17
C ARG B 36 -5.02 14.45 2.29
N TRP B 37 -4.26 13.47 2.77
CA TRP B 37 -3.10 12.93 2.07
C TRP B 37 -3.20 11.44 1.87
N VAL B 38 -2.96 11.03 0.62
CA VAL B 38 -2.94 9.64 0.21
C VAL B 38 -1.57 9.35 -0.40
N LEU B 39 -0.95 8.26 0.05
CA LEU B 39 0.37 7.82 -0.41
C LEU B 39 0.25 6.69 -1.43
N THR B 40 0.99 6.78 -2.52
CA THR B 40 1.02 5.69 -3.48
C THR B 40 2.41 5.56 -4.08
N ALA B 41 2.52 4.72 -5.11
CA ALA B 41 3.76 4.50 -5.83
C ALA B 41 3.79 5.42 -7.04
N ALA B 42 4.94 6.04 -7.28
CA ALA B 42 5.13 6.95 -8.39
C ALA B 42 4.75 6.29 -9.72
N HIS B 43 5.16 5.05 -9.94
CA HIS B 43 4.85 4.41 -11.20
C HIS B 43 3.35 4.17 -11.46
N CYS B 44 2.51 4.34 -10.45
CA CYS B 44 1.07 4.29 -10.65
C CYS B 44 0.55 5.53 -11.39
N LEU B 45 1.35 6.59 -11.36
CA LEU B 45 1.03 7.91 -11.93
C LEU B 45 1.90 8.24 -13.15
N LEU B 46 3.19 7.92 -13.07
CA LEU B 46 4.15 8.24 -14.12
C LEU B 46 5.02 7.03 -14.46
N TYR B 47 4.88 6.54 -15.69
CA TYR B 47 5.80 5.57 -16.23
C TYR B 47 5.84 5.73 -17.76
N PRO B 48 6.71 6.65 -18.23
CA PRO B 48 6.85 7.01 -19.65
C PRO B 48 7.03 5.90 -20.67
N PRO B 49 7.77 4.83 -20.37
CA PRO B 49 7.90 3.74 -21.34
C PRO B 49 6.58 3.02 -21.72
N TRP B 50 5.55 3.14 -20.88
CA TRP B 50 4.23 2.59 -21.17
C TRP B 50 3.21 3.70 -21.41
N ASP B 51 3.73 4.87 -21.77
CA ASP B 51 2.89 6.06 -22.00
C ASP B 51 1.93 6.36 -20.85
N LYS B 52 2.37 6.14 -19.62
CA LYS B 52 1.56 6.45 -18.43
C LYS B 52 1.98 7.79 -17.85
N ASN B 53 1.00 8.68 -17.70
CA ASN B 53 1.22 10.00 -17.12
C ASN B 53 -0.11 10.64 -16.72
N PHE B 54 -0.65 10.23 -15.59
CA PHE B 54 -1.92 10.78 -15.13
C PHE B 54 -1.75 12.14 -14.49
N THR B 55 -2.72 13.02 -14.76
CA THR B 55 -2.86 14.29 -14.04
C THR B 55 -3.99 14.11 -13.01
N GLU B 56 -4.20 15.12 -12.17
CA GLU B 56 -5.24 15.08 -11.13
C GLU B 56 -6.60 14.68 -11.64
N ASN B 57 -6.99 15.29 -12.75
CA ASN B 57 -8.36 15.17 -13.23
C ASN B 57 -8.68 13.87 -13.92
N ASP B 58 -7.66 13.06 -14.21
CA ASP B 58 -7.87 11.72 -14.75
C ASP B 58 -8.34 10.73 -13.68
N LEU B 59 -8.14 11.10 -12.40
CA LEU B 59 -8.18 10.16 -11.30
C LEU B 59 -9.18 10.52 -10.21
N LEU B 60 -9.72 9.48 -9.58
CA LEU B 60 -10.42 9.57 -8.30
C LEU B 60 -9.78 8.61 -7.28
N VAL B 61 -9.92 8.92 -5.99
CA VAL B 61 -9.59 7.96 -4.93
C VAL B 61 -10.86 7.46 -4.24
N ARG B 62 -10.90 6.15 -3.96
CA ARG B 62 -12.03 5.49 -3.26
C ARG B 62 -11.57 4.84 -1.93
N ILE B 63 -12.07 5.37 -0.83
CA ILE B 63 -11.63 5.03 0.52
C ILE B 63 -12.80 4.32 1.26
N GLY B 64 -12.48 3.28 2.03
CA GLY B 64 -13.50 2.56 2.83
C GLY B 64 -14.05 1.34 2.15
N LYS B 65 -13.41 0.93 1.05
CA LYS B 65 -13.88 -0.16 0.22
C LYS B 65 -13.47 -1.53 0.73
N HIS B 66 -14.22 -2.53 0.27
CA HIS B 66 -13.98 -3.93 0.57
C HIS B 66 -14.20 -4.71 -0.73
N SER B 67 -15.41 -4.63 -1.27
CA SER B 67 -15.67 -5.15 -2.61
C SER B 67 -14.84 -4.38 -3.64
N ARG B 68 -14.27 -5.09 -4.59
CA ARG B 68 -13.54 -4.53 -5.72
C ARG B 68 -14.42 -3.67 -6.60
N THR B 69 -15.46 -4.29 -7.15
CA THR B 69 -16.30 -3.67 -8.19
C THR B 69 -17.58 -2.97 -7.72
N ARG B 70 -18.08 -3.28 -6.53
CA ARG B 70 -19.32 -2.67 -6.06
C ARG B 70 -19.14 -1.21 -5.70
N TYR B 71 -20.18 -0.41 -5.93
CA TYR B 71 -20.22 0.92 -5.37
C TYR B 71 -20.85 0.78 -3.98
N GLU B 72 -20.04 0.91 -2.95
CA GLU B 72 -20.43 0.52 -1.62
C GLU B 72 -21.11 1.67 -0.89
N ARG B 73 -22.38 1.82 -1.23
CA ARG B 73 -23.23 2.89 -0.75
C ARG B 73 -23.19 2.99 0.78
N ASN B 74 -23.06 4.21 1.28
CA ASN B 74 -22.98 4.53 2.70
C ASN B 74 -21.69 4.04 3.41
N ILE B 75 -20.85 3.24 2.74
CA ILE B 75 -19.58 2.78 3.30
C ILE B 75 -18.37 3.55 2.74
N GLU B 76 -18.16 3.50 1.42
CA GLU B 76 -17.02 4.18 0.80
C GLU B 76 -17.25 5.67 0.56
N LYS B 77 -16.15 6.41 0.50
CA LYS B 77 -16.14 7.81 0.11
C LYS B 77 -15.16 7.97 -1.06
N ILE B 78 -15.68 8.51 -2.16
CA ILE B 78 -14.92 8.78 -3.36
C ILE B 78 -14.47 10.25 -3.31
N SER B 79 -13.18 10.49 -3.55
CA SER B 79 -12.56 11.81 -3.42
C SER B 79 -11.79 12.18 -4.70
N MET B 80 -11.88 13.46 -5.06
CA MET B 80 -11.16 14.03 -6.19
C MET B 80 -9.82 14.55 -5.70
N LEU B 81 -8.82 14.52 -6.57
CA LEU B 81 -7.47 14.99 -6.23
C LEU B 81 -7.29 16.48 -6.47
N GLU B 82 -6.66 17.17 -5.52
CA GLU B 82 -6.29 18.57 -5.69
C GLU B 82 -4.97 18.71 -6.41
N LYS B 83 -3.98 17.95 -5.94
CA LYS B 83 -2.63 18.00 -6.51
C LYS B 83 -1.91 16.68 -6.31
N ILE B 84 -1.07 16.31 -7.29
CA ILE B 84 -0.20 15.15 -7.24
C ILE B 84 1.23 15.60 -7.12
N TYR B 85 2.01 14.95 -6.24
CA TYR B 85 3.46 15.19 -6.14
C TYR B 85 4.22 13.88 -6.31
N ILE B 86 5.11 13.84 -7.30
CA ILE B 86 5.95 12.67 -7.55
C ILE B 86 7.35 13.00 -7.07
N HIS B 87 7.99 12.08 -6.36
CA HIS B 87 9.37 12.30 -5.93
C HIS B 87 10.22 12.79 -7.11
N PRO B 88 10.93 13.92 -6.91
CA PRO B 88 11.73 14.51 -7.98
C PRO B 88 12.88 13.62 -8.46
N ARG B 89 13.36 12.70 -7.63
CA ARG B 89 14.41 11.78 -8.03
C ARG B 89 13.93 10.32 -8.22
N TYR B 90 12.64 10.16 -8.45
CA TYR B 90 12.07 8.87 -8.82
C TYR B 90 12.72 8.38 -10.11
N ASN B 91 13.32 7.18 -10.08
CA ASN B 91 14.07 6.65 -11.24
C ASN B 91 13.31 5.61 -12.09
N TRP B 92 12.45 6.10 -12.97
CA TRP B 92 11.72 5.23 -13.88
C TRP B 92 12.53 4.67 -15.03
N ARG B 93 13.72 5.23 -15.26
CA ARG B 93 14.60 4.78 -16.36
C ARG B 93 15.34 3.54 -16.03
N GLU B 94 15.69 3.35 -14.76
CA GLU B 94 16.55 2.26 -14.36
C GLU B 94 15.89 1.18 -13.49
N ASN B 95 15.53 1.51 -12.25
CA ASN B 95 15.24 0.46 -11.24
C ASN B 95 14.07 0.80 -10.29
N LEU B 96 13.27 1.81 -10.66
CA LEU B 96 12.21 2.37 -9.80
C LEU B 96 12.70 2.80 -8.41
N ASP B 97 13.94 3.27 -8.33
CA ASP B 97 14.40 3.91 -7.11
C ASP B 97 13.47 5.08 -6.80
N ARG B 98 13.03 5.14 -5.53
CA ARG B 98 12.20 6.21 -4.98
C ARG B 98 10.83 6.22 -5.64
N ASP B 99 10.21 5.05 -5.61
CA ASP B 99 8.88 4.82 -6.18
C ASP B 99 7.87 5.22 -5.12
N ILE B 100 7.68 6.53 -5.01
CA ILE B 100 6.75 7.13 -4.04
C ILE B 100 6.08 8.38 -4.66
N ALA B 101 4.84 8.66 -4.25
CA ALA B 101 4.12 9.84 -4.66
C ALA B 101 3.04 10.12 -3.64
N LEU B 102 2.75 11.40 -3.44
CA LEU B 102 1.64 11.85 -2.60
C LEU B 102 0.50 12.44 -3.44
N MET B 103 -0.73 12.25 -2.99
CA MET B 103 -1.88 12.90 -3.61
C MET B 103 -2.64 13.63 -2.53
N LYS B 104 -2.89 14.90 -2.75
CA LYS B 104 -3.68 15.72 -1.82
C LYS B 104 -5.12 15.76 -2.35
N LEU B 105 -6.08 15.51 -1.46
CA LEU B 105 -7.49 15.40 -1.82
C LEU B 105 -8.09 16.80 -1.77
N LYS B 106 -9.14 17.04 -2.54
CA LYS B 106 -9.74 18.39 -2.57
C LYS B 106 -10.39 18.80 -1.24
N LYS B 107 -10.96 17.83 -0.51
CA LYS B 107 -11.59 18.07 0.80
C LYS B 107 -11.21 16.96 1.76
N PRO B 108 -11.30 17.22 3.08
CA PRO B 108 -11.06 16.14 4.05
C PRO B 108 -12.07 15.01 3.91
N VAL B 109 -11.62 13.75 3.93
CA VAL B 109 -12.52 12.60 4.00
C VAL B 109 -12.83 12.37 5.48
N ALA B 110 -14.06 11.97 5.77
CA ALA B 110 -14.50 11.77 7.14
C ALA B 110 -14.11 10.37 7.53
N PHE B 111 -13.53 10.22 8.72
CA PHE B 111 -13.18 8.90 9.23
C PHE B 111 -14.44 8.17 9.72
N SER B 112 -14.34 6.84 9.75
CA SER B 112 -15.49 5.99 10.04
C SER B 112 -14.91 4.68 10.47
N ASP B 113 -15.76 3.67 10.67
CA ASP B 113 -15.29 2.32 11.03
C ASP B 113 -14.44 1.73 9.89
N TYR B 114 -14.63 2.26 8.68
CA TYR B 114 -14.10 1.67 7.43
C TYR B 114 -12.98 2.51 6.83
N ILE B 115 -12.80 3.70 7.40
CA ILE B 115 -11.88 4.72 6.91
C ILE B 115 -11.04 5.26 8.09
N HIS B 116 -9.74 5.00 8.09
CA HIS B 116 -8.86 5.45 9.20
C HIS B 116 -7.39 5.43 8.74
N PRO B 117 -6.62 6.50 9.03
CA PRO B 117 -5.25 6.56 8.56
C PRO B 117 -4.26 5.61 9.25
N VAL B 118 -3.22 5.24 8.50
CA VAL B 118 -2.14 4.40 9.03
C VAL B 118 -1.01 5.29 9.53
N CYS B 119 -0.21 4.80 10.47
CA CYS B 119 0.95 5.56 10.88
C CYS B 119 2.11 5.44 9.88
N LEU B 120 2.93 6.49 9.84
CA LEU B 120 4.26 6.42 9.22
C LEU B 120 5.29 6.20 10.31
N PRO B 121 6.30 5.37 10.02
CA PRO B 121 7.32 5.11 11.02
C PRO B 121 8.28 6.30 11.28
N ASP B 122 8.88 6.23 12.47
CA ASP B 122 10.01 7.04 12.84
C ASP B 122 11.27 6.16 12.79
N ARG B 123 12.43 6.78 12.92
CA ARG B 123 13.70 6.04 12.81
C ARG B 123 13.76 4.80 13.67
N GLU B 124 13.23 4.89 14.88
CA GLU B 124 13.35 3.85 15.89
C GLU B 124 12.42 2.68 15.56
N THR B 125 11.21 3.01 15.10
CA THR B 125 10.25 2.02 14.62
C THR B 125 10.83 1.23 13.42
N ALA B 126 11.44 1.94 12.48
CA ALA B 126 12.04 1.32 11.31
C ALA B 126 13.24 0.46 11.70
N ALA B 127 14.10 1.01 12.54
CA ALA B 127 15.29 0.29 12.95
C ALA B 127 14.86 -1.00 13.64
N SER B 128 13.88 -0.89 14.52
CA SER B 128 13.37 -2.02 15.28
C SER B 128 12.64 -3.10 14.47
N LEU B 129 11.76 -2.71 13.56
CA LEU B 129 10.87 -3.66 12.89
C LEU B 129 11.33 -4.15 11.50
N LEU B 130 12.11 -3.33 10.79
CA LEU B 130 12.58 -3.71 9.46
C LEU B 130 13.78 -4.65 9.56
N GLN B 131 13.49 -5.91 9.88
CA GLN B 131 14.49 -6.92 10.09
C GLN B 131 14.12 -8.18 9.34
N ALA B 132 15.10 -8.79 8.66
CA ALA B 132 14.89 -10.04 7.93
C ALA B 132 14.14 -11.04 8.80
N GLY B 133 13.11 -11.66 8.26
CA GLY B 133 12.32 -12.65 9.01
C GLY B 133 11.06 -12.07 9.65
N TYR B 134 11.11 -10.81 10.07
CA TYR B 134 9.92 -10.12 10.61
C TYR B 134 8.90 -10.02 9.47
N LYS B 135 7.63 -10.34 9.77
CA LYS B 135 6.56 -10.33 8.76
C LYS B 135 5.78 -9.02 8.75
N GLY B 136 5.43 -8.54 7.56
CA GLY B 136 4.47 -7.46 7.41
C GLY B 136 3.32 -7.95 6.57
N ARG B 137 2.41 -7.04 6.18
CA ARG B 137 1.15 -7.38 5.56
C ARG B 137 0.92 -6.54 4.35
N VAL B 138 0.48 -7.20 3.27
CA VAL B 138 0.24 -6.56 1.97
C VAL B 138 -1.23 -6.79 1.65
N THR B 139 -1.89 -5.72 1.22
CA THR B 139 -3.29 -5.78 0.85
C THR B 139 -3.53 -5.20 -0.56
N GLY B 140 -4.54 -5.72 -1.25
CA GLY B 140 -4.89 -5.19 -2.56
C GLY B 140 -6.00 -5.91 -3.28
N TRP B 141 -6.47 -5.29 -4.38
CA TRP B 141 -7.50 -5.83 -5.25
C TRP B 141 -6.92 -6.28 -6.58
N GLY B 142 -5.60 -6.50 -6.62
CA GLY B 142 -4.95 -6.89 -7.86
C GLY B 142 -5.14 -8.35 -8.20
N ASN B 143 -4.56 -8.76 -9.33
CA ASN B 143 -4.73 -10.13 -9.82
C ASN B 143 -4.52 -11.18 -8.76
N LEU B 144 -5.31 -12.25 -8.86
CA LEU B 144 -5.14 -13.42 -8.02
C LEU B 144 -4.09 -14.42 -8.59
N LYS B 145 -3.65 -14.19 -9.82
CA LYS B 145 -2.64 -15.05 -10.48
C LYS B 145 -1.83 -14.24 -11.50
N GLU B 146 -0.60 -14.64 -11.81
CA GLU B 146 0.23 -13.92 -12.79
C GLU B 146 -0.42 -13.78 -14.17
N GLY B 155 -9.10 -15.19 -11.32
CA GLY B 155 -8.26 -14.18 -11.95
C GLY B 155 -8.26 -12.87 -11.19
N GLN B 156 -9.45 -12.42 -10.78
CA GLN B 156 -9.60 -11.18 -10.06
C GLN B 156 -10.54 -11.34 -8.86
N PRO B 157 -10.22 -10.66 -7.73
CA PRO B 157 -10.90 -10.91 -6.48
C PRO B 157 -12.21 -10.15 -6.34
N SER B 158 -13.17 -10.78 -5.67
CA SER B 158 -14.44 -10.12 -5.36
C SER B 158 -14.23 -9.06 -4.28
N VAL B 159 -13.48 -9.44 -3.25
CA VAL B 159 -13.17 -8.56 -2.13
C VAL B 159 -11.66 -8.30 -1.92
N LEU B 160 -11.35 -7.20 -1.23
CA LEU B 160 -9.99 -6.93 -0.77
C LEU B 160 -9.30 -8.18 -0.26
N GLN B 161 -8.07 -8.38 -0.72
CA GLN B 161 -7.24 -9.56 -0.37
C GLN B 161 -6.09 -9.19 0.58
N VAL B 162 -5.63 -10.17 1.36
CA VAL B 162 -4.53 -9.93 2.33
C VAL B 162 -3.52 -11.06 2.33
N VAL B 163 -2.24 -10.76 2.45
CA VAL B 163 -1.21 -11.79 2.75
C VAL B 163 -0.13 -11.22 3.65
N ASN B 164 0.37 -12.04 4.56
CA ASN B 164 1.47 -11.71 5.44
C ASN B 164 2.72 -12.40 4.94
N LEU B 165 3.82 -11.66 4.86
CA LEU B 165 5.04 -12.12 4.18
C LEU B 165 6.24 -11.65 4.96
N PRO B 166 7.30 -12.47 5.04
CA PRO B 166 8.49 -12.07 5.78
C PRO B 166 9.41 -11.16 4.97
N ILE B 167 10.05 -10.20 5.64
CA ILE B 167 11.12 -9.40 5.06
C ILE B 167 12.30 -10.33 4.82
N VAL B 168 12.94 -10.17 3.66
CA VAL B 168 14.05 -11.05 3.25
C VAL B 168 15.38 -10.29 3.32
N GLU B 169 16.44 -11.04 3.67
CA GLU B 169 17.82 -10.56 3.82
C GLU B 169 18.33 -9.79 2.58
N ARG B 170 19.11 -8.72 2.77
CA ARG B 170 19.47 -7.84 1.64
C ARG B 170 20.16 -8.59 0.48
N PRO B 171 21.18 -9.43 0.79
CA PRO B 171 21.89 -10.22 -0.21
C PRO B 171 20.97 -11.12 -1.03
N VAL B 172 20.11 -11.88 -0.37
CA VAL B 172 19.13 -12.74 -1.04
C VAL B 172 18.27 -11.94 -2.03
N CYS B 173 17.78 -10.78 -1.61
CA CYS B 173 17.02 -9.91 -2.52
C CYS B 173 17.81 -9.61 -3.81
N LYS B 174 19.03 -9.09 -3.62
CA LYS B 174 19.94 -8.74 -4.72
C LYS B 174 20.30 -9.95 -5.62
N ASP B 175 20.53 -11.09 -4.99
CA ASP B 175 20.88 -12.31 -5.73
C ASP B 175 19.72 -12.94 -6.49
N SER B 176 18.50 -12.43 -6.28
CA SER B 176 17.29 -12.90 -6.96
C SER B 176 17.01 -12.20 -8.28
N THR B 177 17.76 -11.16 -8.59
CA THR B 177 17.41 -10.29 -9.70
C THR B 177 18.65 -9.67 -10.31
N ARG B 178 18.52 -9.28 -11.58
CA ARG B 178 19.55 -8.55 -12.27
C ARG B 178 19.38 -7.05 -12.13
N ILE B 179 18.22 -6.62 -11.63
CA ILE B 179 17.98 -5.21 -11.37
C ILE B 179 18.87 -4.74 -10.22
N ARG B 180 19.39 -3.51 -10.34
CA ARG B 180 20.18 -2.90 -9.29
C ARG B 180 19.28 -2.36 -8.16
N ILE B 181 19.46 -2.96 -6.97
CA ILE B 181 18.71 -2.69 -5.76
C ILE B 181 19.37 -1.57 -4.95
N THR B 182 18.57 -0.60 -4.50
CA THR B 182 19.05 0.53 -3.72
C THR B 182 18.61 0.40 -2.26
N ASP B 183 19.13 1.25 -1.39
CA ASP B 183 18.74 1.28 0.02
C ASP B 183 17.31 1.83 0.21
N ASN B 184 16.70 2.37 -0.84
CA ASN B 184 15.31 2.87 -0.76
C ASN B 184 14.28 1.77 -1.09
N MET B 185 14.71 0.50 -1.10
CA MET B 185 13.87 -0.66 -1.40
C MET B 185 14.16 -1.77 -0.41
N PHE B 186 13.18 -2.61 -0.13
CA PHE B 186 13.42 -3.90 0.51
C PHE B 186 12.51 -4.89 -0.20
N CYS B 187 12.83 -6.17 -0.10
CA CYS B 187 12.00 -7.20 -0.68
C CYS B 187 11.44 -8.07 0.43
N ALA B 188 10.33 -8.73 0.15
CA ALA B 188 9.69 -9.61 1.11
C ALA B 188 9.08 -10.77 0.36
N GLY B 189 8.94 -11.90 1.06
CA GLY B 189 8.46 -13.10 0.38
C GLY B 189 9.06 -14.32 1.00
N TYR B 190 8.40 -15.47 0.80
CA TYR B 190 8.90 -16.72 1.27
C TYR B 190 9.92 -17.25 0.27
N LYS B 191 10.86 -18.04 0.76
CA LYS B 191 11.85 -18.70 -0.08
C LYS B 191 11.20 -20.00 -0.58
N PRO B 192 11.80 -20.65 -1.59
CA PRO B 192 11.25 -21.92 -2.03
C PRO B 192 11.29 -22.99 -0.95
N ASP B 193 12.35 -23.00 -0.15
CA ASP B 193 12.44 -23.95 0.96
C ASP B 193 11.29 -23.73 1.96
N GLU B 194 10.94 -22.47 2.20
CA GLU B 194 10.02 -22.11 3.28
C GLU B 194 8.60 -22.68 3.14
N GLY B 195 8.26 -23.21 1.96
CA GLY B 195 6.99 -23.92 1.79
C GLY B 195 5.77 -23.04 1.53
N LYS B 196 5.56 -22.03 2.36
CA LYS B 196 4.46 -21.08 2.17
C LYS B 196 4.74 -20.17 0.97
N ARG B 197 3.70 -19.48 0.49
CA ARG B 197 3.78 -18.65 -0.70
C ARG B 197 3.02 -17.32 -0.53
N GLY B 198 2.96 -16.56 -1.60
CA GLY B 198 2.18 -15.32 -1.60
C GLY B 198 2.99 -14.15 -2.09
N ASP B 199 2.30 -13.20 -2.73
CA ASP B 199 2.95 -12.04 -3.38
C ASP B 199 1.91 -10.96 -3.75
N ALA B 200 2.36 -9.72 -3.85
CA ALA B 200 1.63 -8.70 -4.57
C ALA B 200 1.52 -9.15 -6.02
N CYS B 201 0.52 -8.69 -6.74
CA CYS B 201 0.50 -8.89 -8.20
C CYS B 201 -0.12 -7.66 -8.86
N GLU B 202 -0.32 -7.73 -10.18
CA GLU B 202 -0.76 -6.58 -11.00
C GLU B 202 -2.01 -5.95 -10.40
N GLY B 203 -2.00 -4.63 -10.20
CA GLY B 203 -3.14 -3.92 -9.59
C GLY B 203 -2.97 -3.64 -8.11
N ASP B 204 -2.01 -4.31 -7.48
CA ASP B 204 -1.66 -4.14 -6.05
C ASP B 204 -0.64 -3.05 -5.80
N SER B 205 0.05 -2.60 -6.85
CA SER B 205 1.11 -1.59 -6.70
C SER B 205 0.54 -0.31 -6.14
N GLY B 206 1.35 0.40 -5.37
CA GLY B 206 0.91 1.60 -4.66
C GLY B 206 0.38 1.29 -3.27
N GLY B 207 -0.08 0.07 -3.07
CA GLY B 207 -0.70 -0.30 -1.79
C GLY B 207 0.32 -0.43 -0.70
N PRO B 208 -0.16 -0.57 0.56
CA PRO B 208 0.71 -0.56 1.73
C PRO B 208 1.24 -1.93 2.16
N PHE B 209 2.53 -1.98 2.52
CA PHE B 209 3.13 -3.07 3.29
C PHE B 209 3.20 -2.48 4.71
N VAL B 210 2.42 -3.06 5.63
CA VAL B 210 2.29 -2.53 6.98
C VAL B 210 2.80 -3.54 8.00
N MET B 211 3.16 -3.04 9.18
CA MET B 211 3.52 -3.89 10.30
C MET B 211 2.84 -3.35 11.55
N LYS B 212 2.49 -4.22 12.49
CA LYS B 212 1.91 -3.82 13.78
C LYS B 212 2.97 -3.81 14.86
N SER B 213 3.29 -2.63 15.38
CA SER B 213 4.30 -2.53 16.41
C SER B 213 3.91 -3.31 17.66
N PRO B 214 4.80 -4.19 18.15
CA PRO B 214 4.50 -4.90 19.42
C PRO B 214 4.65 -4.00 20.65
N PHE B 215 5.14 -2.78 20.43
CA PHE B 215 5.42 -1.82 21.47
C PHE B 215 4.21 -0.96 21.78
N ASN B 216 3.58 -0.35 20.77
CA ASN B 216 2.39 0.48 21.00
C ASN B 216 1.09 0.02 20.32
N ASN B 217 1.11 -1.19 19.74
CA ASN B 217 -0.05 -1.79 19.09
C ASN B 217 -0.66 -0.98 17.91
N ARG B 218 0.18 -0.18 17.25
CA ARG B 218 -0.22 0.64 16.11
C ARG B 218 0.29 0.04 14.81
N TRP B 219 -0.52 0.16 13.76
CA TRP B 219 -0.08 -0.24 12.42
C TRP B 219 0.71 0.87 11.80
N TYR B 220 1.89 0.52 11.28
CA TYR B 220 2.77 1.48 10.59
C TYR B 220 3.00 1.03 9.16
N GLN B 221 3.03 1.99 8.23
CA GLN B 221 3.33 1.65 6.84
C GLN B 221 4.85 1.65 6.59
N MET B 222 5.40 0.45 6.49
CA MET B 222 6.84 0.27 6.31
C MET B 222 7.28 0.29 4.83
N GLY B 223 6.41 -0.18 3.95
CA GLY B 223 6.70 -0.26 2.52
C GLY B 223 5.54 0.18 1.61
N ILE B 224 5.84 0.44 0.35
CA ILE B 224 4.83 0.62 -0.68
C ILE B 224 5.13 -0.42 -1.73
N VAL B 225 4.11 -1.16 -2.15
CA VAL B 225 4.24 -2.18 -3.18
C VAL B 225 4.80 -1.56 -4.45
N SER B 226 5.99 -1.98 -4.85
CA SER B 226 6.72 -1.28 -5.93
C SER B 226 6.86 -2.09 -7.20
N TRP B 227 7.52 -3.24 -7.13
CA TRP B 227 7.72 -4.04 -8.34
C TRP B 227 8.13 -5.45 -8.04
N GLY B 228 7.93 -6.29 -9.04
CA GLY B 228 8.46 -7.66 -9.04
C GLY B 228 8.62 -8.15 -10.48
N GLU B 229 9.17 -9.34 -10.61
CA GLU B 229 9.37 -9.98 -11.90
C GLU B 229 8.50 -11.24 -11.88
N GLY B 230 7.29 -11.11 -12.43
CA GLY B 230 6.21 -12.10 -12.24
C GLY B 230 5.56 -11.95 -10.87
N CYS B 231 4.60 -12.82 -10.55
CA CYS B 231 3.96 -12.81 -9.23
C CYS B 231 4.09 -14.20 -8.62
N ASP B 232 4.55 -14.25 -7.37
CA ASP B 232 4.69 -15.50 -6.64
C ASP B 232 5.56 -16.54 -7.35
N ARG B 233 6.65 -16.12 -7.97
CA ARG B 233 7.55 -17.07 -8.61
C ARG B 233 8.53 -17.55 -7.59
N ASP B 234 8.89 -18.84 -7.64
CA ASP B 234 9.90 -19.41 -6.73
C ASP B 234 11.23 -18.75 -7.03
N GLY B 235 11.93 -18.34 -5.96
CA GLY B 235 13.25 -17.72 -6.09
C GLY B 235 13.24 -16.23 -6.35
N LYS B 236 12.04 -15.64 -6.40
CA LYS B 236 11.83 -14.23 -6.68
C LYS B 236 11.00 -13.60 -5.55
N TYR B 237 11.16 -12.30 -5.39
CA TYR B 237 10.56 -11.59 -4.26
C TYR B 237 9.92 -10.28 -4.74
N GLY B 238 9.04 -9.75 -3.91
CA GLY B 238 8.37 -8.51 -4.21
C GLY B 238 9.22 -7.43 -3.61
N PHE B 239 9.33 -6.30 -4.33
CA PHE B 239 10.11 -5.17 -3.89
C PHE B 239 9.19 -4.03 -3.52
N TYR B 240 9.55 -3.34 -2.42
CA TYR B 240 8.72 -2.33 -1.78
C TYR B 240 9.51 -1.04 -1.58
N THR B 241 8.87 0.12 -1.75
CA THR B 241 9.54 1.35 -1.42
C THR B 241 9.75 1.41 0.09
N HIS B 242 10.94 1.82 0.51
CA HIS B 242 11.29 1.95 1.93
C HIS B 242 10.80 3.28 2.44
N VAL B 243 9.69 3.28 3.17
CA VAL B 243 8.97 4.51 3.47
C VAL B 243 9.77 5.42 4.39
N PHE B 244 10.42 4.86 5.41
CA PHE B 244 11.13 5.72 6.35
C PHE B 244 12.29 6.47 5.65
N ARG B 245 13.11 5.75 4.89
CA ARG B 245 14.16 6.39 4.11
C ARG B 245 13.69 7.59 3.28
N LEU B 246 12.40 7.65 2.94
CA LEU B 246 11.90 8.79 2.15
C LEU B 246 10.99 9.72 2.95
N LYS B 247 11.00 9.58 4.28
CA LYS B 247 10.07 10.34 5.10
C LYS B 247 10.28 11.86 5.09
N LYS B 248 11.53 12.31 4.95
CA LYS B 248 11.82 13.75 4.91
C LYS B 248 11.18 14.36 3.68
N TRP B 249 11.25 13.67 2.55
CA TRP B 249 10.56 14.14 1.36
C TRP B 249 9.07 14.21 1.63
N ILE B 250 8.52 13.18 2.28
CA ILE B 250 7.11 13.22 2.67
C ILE B 250 6.80 14.43 3.56
N GLN B 251 7.44 14.53 4.72
CA GLN B 251 7.26 15.68 5.64
C GLN B 251 7.37 17.02 4.91
N LYS B 252 8.38 17.16 4.06
CA LYS B 252 8.60 18.37 3.27
C LYS B 252 7.39 18.73 2.42
N VAL B 253 6.90 17.76 1.64
CA VAL B 253 5.75 17.98 0.76
C VAL B 253 4.53 18.43 1.57
N ILE B 254 4.27 17.72 2.66
CA ILE B 254 3.10 17.95 3.50
C ILE B 254 3.20 19.29 4.23
N ASP B 255 4.39 19.58 4.79
CA ASP B 255 4.64 20.85 5.47
C ASP B 255 4.56 22.06 4.54
N GLN B 256 5.13 21.95 3.34
CA GLN B 256 5.12 23.04 2.36
C GLN B 256 3.73 23.32 1.82
N PHE B 257 3.03 22.27 1.39
CA PHE B 257 1.79 22.40 0.61
C PHE B 257 0.49 22.07 1.35
N GLY B 258 0.58 21.42 2.51
CA GLY B 258 -0.59 21.05 3.28
C GLY B 258 -0.98 22.17 4.22
N GLU B 259 -2.10 21.98 4.92
CA GLU B 259 -2.57 22.95 5.94
C GLU B 259 -2.71 22.28 7.31
N ASP C 2 -17.09 -3.64 -16.06
CA ASP C 2 -16.84 -4.64 -14.98
C ASP C 2 -17.11 -4.04 -13.59
N PHE C 3 -16.89 -2.74 -13.48
CA PHE C 3 -17.14 -2.02 -12.24
C PHE C 3 -18.55 -1.46 -12.20
N GLU C 4 -19.17 -1.46 -11.02
CA GLU C 4 -20.46 -0.84 -10.86
C GLU C 4 -20.30 0.67 -11.03
N GLU C 5 -21.32 1.24 -11.67
CA GLU C 5 -21.37 2.65 -12.02
C GLU C 5 -21.32 3.46 -10.72
N ILE C 6 -20.41 4.42 -10.64
CA ILE C 6 -20.33 5.30 -9.47
C ILE C 6 -21.17 6.53 -9.75
N PRO C 7 -21.73 7.16 -8.69
CA PRO C 7 -22.48 8.41 -8.88
C PRO C 7 -21.78 9.40 -9.83
N GLU C 8 -22.56 10.09 -10.65
CA GLU C 8 -22.01 11.02 -11.64
C GLU C 8 -21.45 12.30 -11.02
N GLU C 9 -21.87 12.61 -9.78
CA GLU C 9 -21.31 13.75 -9.04
C GLU C 9 -19.80 13.67 -8.90
N TYS C 10 -19.28 12.44 -8.87
CA TYS C 10 -17.83 12.21 -8.75
CB TYS C 10 -17.58 10.83 -8.12
CG TYS C 10 -18.23 10.70 -6.75
CD1 TYS C 10 -19.10 9.67 -6.46
CD2 TYS C 10 -18.01 11.68 -5.76
CE1 TYS C 10 -19.73 9.58 -5.22
CE2 TYS C 10 -18.63 11.60 -4.51
CZ TYS C 10 -19.48 10.53 -4.25
OH TYS C 10 -20.09 10.45 -3.03
S TYS C 10 -19.51 9.32 -2.04
O1 TYS C 10 -18.15 9.79 -1.59
O2 TYS C 10 -19.48 7.94 -2.68
O3 TYS C 10 -20.42 9.29 -0.83
C TYS C 10 -17.09 12.38 -10.09
O TYS C 10 -15.94 12.82 -10.12
N LEU C 11 -17.76 12.05 -11.20
CA LEU C 11 -17.17 12.13 -12.53
C LEU C 11 -17.16 13.55 -13.12
N GLN C 12 -17.69 14.53 -12.55
S DMS D . 11.01 1.19 20.25
O DMS D . 10.29 2.60 21.08
C1 DMS D . 12.80 1.13 20.47
C2 DMS D . 10.97 1.54 18.46
S DMS E . 16.15 -4.60 5.29
O DMS E . 16.19 -6.19 6.12
C1 DMS E . 14.71 -3.61 5.78
C2 DMS E . 15.70 -4.95 3.59
NA NA F . 8.43 -15.60 -4.53
S DMS G . 0.28 -2.06 -11.57
O DMS G . 1.19 -3.36 -12.40
C1 DMS G . 1.38 -0.64 -11.39
C2 DMS G . 0.08 -2.57 -9.87
N1 C3M H . 3.05 -4.86 -11.29
C2 C3M H . 4.13 -4.29 -12.12
C3 C3M H . 4.73 -3.11 -11.39
C4 C3M H . 5.35 -2.08 -12.30
C5 C3M H . 6.61 -1.57 -12.00
C6 C3M H . 7.18 -0.63 -12.83
C7 C3M H . 6.52 -0.17 -13.95
C8 C3M H . 5.27 -0.66 -14.24
C9 C3M H . 4.67 -1.59 -13.41
C10 C3M H . 5.17 -5.39 -12.25
O11 C3M H . 5.82 -5.63 -11.00
C12 C3M H . 6.25 -4.90 -13.22
N13 C3M H . 7.07 -6.08 -13.52
S14 C3M H . 8.32 -5.91 -14.56
O15 C3M H . 9.06 -7.12 -14.45
O16 C3M H . 7.68 -5.45 -15.74
C17 C3M H . 9.46 -4.69 -13.98
C18 C3M H . 10.25 -5.01 -12.86
C19 C3M H . 11.18 -4.14 -12.32
C20 C3M H . 11.32 -2.87 -12.91
C21 C3M H . 12.25 -1.95 -12.41
C22 C3M H . 12.37 -0.73 -13.02
C23 C3M H . 11.59 -0.37 -14.12
C24 C3M H . 10.68 -1.25 -14.63
C25 C3M H . 10.51 -2.52 -14.05
C26 C3M H . 9.57 -3.44 -14.58
#